data_6XMA
#
_entry.id   6XMA
#
_cell.length_a   86.030
_cell.length_b   112.527
_cell.length_c   115.384
_cell.angle_alpha   90.000
_cell.angle_beta   90.000
_cell.angle_gamma   90.000
#
_symmetry.space_group_name_H-M   'I 2 2 2'
#
loop_
_entity.id
_entity.type
_entity.pdbx_description
1 polymer Dioxygenase
2 non-polymer 'SULFATE ION'
3 non-polymer 'FE (III) ION'
4 water water
#
_entity_poly.entity_id   1
_entity_poly.type   'polypeptide(L)'
_entity_poly.pdbx_seq_one_letter_code
;MAHFPDTPAFTGFNAPSRIECDIPNLVHEGTIPPELNGAFFRVQPDPQFPPRLGDDISFNGDGMITRFHIHDGQCDIKQR
WAKTNKWKLENAAGKALFGSYRNPLTDDESVKGEYRSTANTNAFVFAGKLWAMKEDSPSLTMDPATMETFGFEKFGGKMT
GQTFTAHPKVDPLTGNMVAIGYAASGLCTDDVCLYEISPDGELIYEAWFKVPYYCMMHDFGVTKDYLVLHIVPSIGSWDR
LEKGLPHFGFDTTLPVYLGIIPRRADLKQEDIRWFKRENCFASHVMNAFQEGTKVHVDVPEAENNMFPFFPDVHGAPFNP
QQAMSRLTRWTVDMASNSDEFDSVTRLTETAGEFPRIDDRMTGLPYRYGWMLEMDMKRPVELKGGSAGGFLMNCLFLKDH
QTGAEQHWWCGPTSSLQEPAFIPRSKDAPEGDGWIVQVCNRLADHKSDLLIFEALDIEKGPVATVHLPFALRFGLHGNWA
NAEEIGLAA
;
_entity_poly.pdbx_strand_id   A
#
# COMPACT_ATOMS: atom_id res chain seq x y z
N ALA A 2 21.82 -5.07 19.88
CA ALA A 2 20.47 -5.61 20.10
C ALA A 2 20.42 -7.11 19.92
N HIS A 3 19.71 -7.78 20.83
CA HIS A 3 19.48 -9.22 20.75
C HIS A 3 18.11 -9.46 20.15
N PHE A 4 18.09 -9.87 18.89
CA PHE A 4 16.84 -10.16 18.19
C PHE A 4 16.57 -11.66 18.16
N PRO A 5 15.31 -12.05 18.03
CA PRO A 5 14.99 -13.48 17.96
C PRO A 5 15.62 -14.15 16.75
N ASP A 6 15.90 -15.44 16.90
CA ASP A 6 16.39 -16.27 15.80
C ASP A 6 15.20 -16.97 15.16
N THR A 7 14.35 -16.16 14.54
CA THR A 7 13.14 -16.63 13.90
C THR A 7 13.09 -16.06 12.49
N PRO A 8 12.29 -16.66 11.60
CA PRO A 8 12.32 -16.21 10.20
C PRO A 8 12.00 -14.74 10.00
N ALA A 9 11.17 -14.16 10.86
CA ALA A 9 10.80 -12.76 10.69
C ALA A 9 11.94 -11.81 10.98
N PHE A 10 13.05 -12.30 11.53
CA PHE A 10 14.18 -11.45 11.93
C PHE A 10 15.51 -11.92 11.36
N THR A 11 15.49 -12.87 10.42
CA THR A 11 16.71 -13.47 9.90
C THR A 11 16.78 -13.43 8.38
N GLY A 12 18.02 -13.48 7.88
CA GLY A 12 18.23 -13.54 6.43
C GLY A 12 17.83 -12.24 5.77
N PHE A 13 16.98 -12.36 4.75
CA PHE A 13 16.41 -11.19 4.12
C PHE A 13 15.64 -10.35 5.11
N ASN A 14 15.16 -10.95 6.19
CA ASN A 14 14.43 -10.24 7.23
C ASN A 14 15.31 -9.84 8.42
N ALA A 15 16.63 -9.85 8.27
CA ALA A 15 17.47 -9.26 9.32
C ALA A 15 17.11 -7.79 9.51
N PRO A 16 17.03 -7.33 10.74
CA PRO A 16 16.80 -5.90 10.98
C PRO A 16 17.94 -5.10 10.31
N SER A 17 17.59 -3.97 9.71
CA SER A 17 18.56 -3.13 9.05
C SER A 17 18.81 -1.85 9.85
N ARG A 18 17.80 -1.01 9.89
CA ARG A 18 17.80 0.25 10.65
C ARG A 18 18.80 1.30 10.17
N ILE A 19 19.21 1.18 8.93
CA ILE A 19 20.16 2.09 8.36
C ILE A 19 19.51 3.46 8.09
N GLU A 20 20.04 4.49 8.71
CA GLU A 20 19.72 5.83 8.32
C GLU A 20 20.99 6.28 7.62
N CYS A 21 20.88 6.83 6.41
CA CYS A 21 22.09 7.12 5.65
C CYS A 21 21.81 8.19 4.60
N ASP A 22 22.91 8.63 3.97
CA ASP A 22 22.90 9.52 2.83
C ASP A 22 24.01 9.07 1.90
N ILE A 23 23.67 8.87 0.64
CA ILE A 23 24.66 8.61 -0.39
C ILE A 23 24.26 9.28 -1.69
N PRO A 24 24.95 10.31 -2.16
CA PRO A 24 24.66 10.85 -3.48
C PRO A 24 25.39 10.05 -4.55
N ASN A 25 24.85 10.11 -5.77
CA ASN A 25 25.59 9.64 -6.94
C ASN A 25 25.95 8.17 -6.81
N LEU A 26 24.94 7.37 -6.44
CA LEU A 26 25.11 5.93 -6.29
C LEU A 26 25.69 5.35 -7.56
N VAL A 27 26.48 4.28 -7.42
CA VAL A 27 27.01 3.57 -8.58
C VAL A 27 25.85 3.05 -9.42
N HIS A 28 25.91 3.27 -10.74
CA HIS A 28 24.80 2.89 -11.60
C HIS A 28 25.30 2.47 -12.96
N GLU A 29 24.45 1.71 -13.65
CA GLU A 29 24.67 1.29 -15.02
C GLU A 29 23.52 1.80 -15.89
N GLY A 30 23.81 1.96 -17.17
CA GLY A 30 22.82 2.45 -18.11
C GLY A 30 22.71 3.96 -18.04
N THR A 31 21.56 4.45 -18.52
CA THR A 31 21.33 5.88 -18.69
C THR A 31 20.09 6.27 -17.89
N ILE A 32 20.29 7.07 -16.85
CA ILE A 32 19.19 7.65 -16.09
C ILE A 32 18.67 8.80 -16.92
N PRO A 33 17.40 8.80 -17.34
CA PRO A 33 16.91 9.88 -18.20
C PRO A 33 17.21 11.23 -17.59
N PRO A 34 17.89 12.12 -18.30
CA PRO A 34 18.11 13.47 -17.74
C PRO A 34 16.82 14.26 -17.56
N GLU A 35 15.69 13.80 -18.11
CA GLU A 35 14.41 14.46 -17.88
C GLU A 35 14.00 14.38 -16.43
N LEU A 36 14.44 13.33 -15.74
CA LEU A 36 13.89 13.05 -14.42
C LEU A 36 14.43 14.04 -13.39
N ASN A 37 13.53 14.58 -12.59
CA ASN A 37 13.90 15.54 -11.55
C ASN A 37 12.85 15.46 -10.45
N GLY A 38 13.13 14.63 -9.45
CA GLY A 38 12.17 14.40 -8.39
C GLY A 38 12.64 13.25 -7.55
N ALA A 39 11.71 12.63 -6.82
CA ALA A 39 12.12 11.55 -5.94
C ALA A 39 11.05 10.48 -5.80
N PHE A 40 11.54 9.26 -5.65
CA PHE A 40 10.73 8.08 -5.35
C PHE A 40 10.89 7.77 -3.88
N PHE A 41 9.77 7.79 -3.15
CA PHE A 41 9.73 7.46 -1.74
C PHE A 41 9.11 6.08 -1.58
N ARG A 42 9.69 5.26 -0.71
CA ARG A 42 9.11 3.97 -0.37
C ARG A 42 9.37 3.69 1.12
N VAL A 43 8.66 2.73 1.69
CA VAL A 43 8.77 2.43 3.11
C VAL A 43 8.99 0.95 3.33
N GLN A 44 9.87 0.63 4.28
CA GLN A 44 10.04 -0.72 4.74
C GLN A 44 9.76 -0.82 6.23
N PRO A 45 8.96 -1.80 6.65
CA PRO A 45 8.93 -2.16 8.07
C PRO A 45 10.31 -2.64 8.50
N ASP A 46 10.77 -2.15 9.65
CA ASP A 46 12.16 -2.40 10.08
C ASP A 46 12.17 -2.16 11.58
N PRO A 47 12.39 -3.18 12.41
CA PRO A 47 12.18 -3.01 13.87
C PRO A 47 13.28 -2.20 14.53
N GLN A 48 12.89 -1.11 15.20
CA GLN A 48 13.85 -0.35 15.99
C GLN A 48 14.39 -1.20 17.14
N PHE A 49 13.53 -1.99 17.77
CA PHE A 49 13.88 -2.83 18.90
C PHE A 49 13.37 -4.24 18.74
N PRO A 50 13.97 -5.18 19.49
CA PRO A 50 13.42 -6.53 19.51
C PRO A 50 11.98 -6.51 20.01
N PRO A 51 11.15 -7.43 19.54
CA PRO A 51 9.74 -7.43 19.95
C PRO A 51 9.56 -7.92 21.37
N ARG A 52 8.54 -7.37 22.02
CA ARG A 52 8.25 -7.74 23.40
C ARG A 52 7.99 -9.24 23.53
N LEU A 53 7.23 -9.82 22.60
CA LEU A 53 6.86 -11.22 22.73
C LEU A 53 8.01 -12.17 22.43
N GLY A 54 9.07 -11.71 21.77
CA GLY A 54 10.13 -12.59 21.32
C GLY A 54 9.93 -13.14 19.93
N ASP A 55 8.89 -12.69 19.23
CA ASP A 55 8.69 -12.94 17.81
C ASP A 55 7.70 -11.87 17.35
N ASP A 56 7.53 -11.77 16.05
CA ASP A 56 6.60 -10.81 15.47
C ASP A 56 6.41 -11.17 14.01
N ILE A 57 5.61 -10.35 13.34
CA ILE A 57 5.35 -10.51 11.91
C ILE A 57 5.91 -9.31 11.17
N SER A 58 6.01 -9.48 9.84
CA SER A 58 6.60 -8.47 8.96
C SER A 58 5.82 -7.18 8.98
N PHE A 59 4.49 -7.27 9.01
CA PHE A 59 3.69 -6.07 8.93
C PHE A 59 3.81 -5.20 10.18
N ASN A 60 4.58 -5.63 11.20
CA ASN A 60 4.64 -4.88 12.44
C ASN A 60 5.93 -4.12 12.68
N GLY A 61 6.88 -4.11 11.74
CA GLY A 61 8.09 -3.34 11.94
C GLY A 61 7.88 -1.83 11.82
N ASP A 62 8.68 -1.07 12.55
CA ASP A 62 8.65 0.38 12.45
C ASP A 62 8.96 0.87 11.04
N GLY A 63 8.30 1.93 10.63
CA GLY A 63 8.47 2.41 9.28
C GLY A 63 9.78 3.15 9.08
N MET A 64 10.56 2.68 8.11
CA MET A 64 11.80 3.32 7.70
C MET A 64 11.56 3.81 6.27
N ILE A 65 11.78 5.10 6.03
CA ILE A 65 11.46 5.73 4.74
C ILE A 65 12.72 5.87 3.91
N THR A 66 12.66 5.40 2.67
CA THR A 66 13.75 5.55 1.71
C THR A 66 13.32 6.57 0.66
N ARG A 67 14.20 7.51 0.34
CA ARG A 67 13.98 8.43 -0.75
C ARG A 67 15.11 8.29 -1.77
N PHE A 68 14.73 8.10 -3.03
CA PHE A 68 15.65 8.07 -4.15
C PHE A 68 15.42 9.36 -4.95
N HIS A 69 16.33 10.33 -4.79
CA HIS A 69 16.27 11.61 -5.50
C HIS A 69 17.03 11.44 -6.82
N ILE A 70 16.29 11.55 -7.91
CA ILE A 70 16.83 11.36 -9.26
C ILE A 70 16.87 12.72 -9.92
N HIS A 71 18.04 13.13 -10.37
CA HIS A 71 18.23 14.44 -10.97
C HIS A 71 19.57 14.40 -11.68
N ASP A 72 19.68 15.17 -12.76
CA ASP A 72 20.95 15.34 -13.45
C ASP A 72 21.56 14.01 -13.91
N GLY A 73 20.71 13.04 -14.23
CA GLY A 73 21.20 11.74 -14.66
C GLY A 73 21.85 10.90 -13.58
N GLN A 74 21.63 11.22 -12.31
CA GLN A 74 22.16 10.44 -11.21
C GLN A 74 21.03 10.16 -10.23
N CYS A 75 21.33 9.26 -9.29
CA CYS A 75 20.39 8.92 -8.24
C CYS A 75 21.10 8.97 -6.89
N ASP A 76 20.43 9.61 -5.93
CA ASP A 76 20.91 9.75 -4.57
C ASP A 76 19.94 9.03 -3.62
N ILE A 77 20.43 8.60 -2.46
CA ILE A 77 19.56 8.01 -1.44
C ILE A 77 19.66 8.77 -0.13
N LYS A 78 18.50 8.98 0.51
CA LYS A 78 18.40 9.46 1.87
C LYS A 78 17.42 8.52 2.56
N GLN A 79 17.79 8.00 3.73
CA GLN A 79 16.92 7.05 4.41
C GLN A 79 16.82 7.47 5.87
N ARG A 80 15.59 7.59 6.35
CA ARG A 80 15.31 8.10 7.68
C ARG A 80 14.09 7.41 8.29
N TRP A 81 14.10 7.28 9.60
CA TRP A 81 12.94 6.75 10.30
C TRP A 81 11.74 7.70 10.20
N ALA A 82 10.55 7.10 10.13
CA ALA A 82 9.31 7.84 10.39
C ALA A 82 9.10 7.88 11.90
N LYS A 83 9.29 9.05 12.53
CA LYS A 83 9.36 9.09 14.00
C LYS A 83 7.97 9.26 14.58
N THR A 84 7.25 8.14 14.57
CA THR A 84 5.96 8.03 15.22
C THR A 84 6.10 8.21 16.73
N ASN A 85 4.96 8.40 17.40
CA ASN A 85 5.00 8.45 18.86
C ASN A 85 5.55 7.15 19.42
N LYS A 86 5.17 6.02 18.82
CA LYS A 86 5.76 4.73 19.19
C LYS A 86 7.28 4.78 19.09
N TRP A 87 7.80 5.19 17.93
CA TRP A 87 9.24 5.27 17.72
C TRP A 87 9.89 6.10 18.82
N LYS A 88 9.31 7.28 19.09
CA LYS A 88 9.90 8.20 20.06
C LYS A 88 9.85 7.63 21.47
N LEU A 89 8.72 7.06 21.86
CA LEU A 89 8.59 6.51 23.21
C LEU A 89 9.54 5.35 23.42
N GLU A 90 9.62 4.44 22.45
CA GLU A 90 10.51 3.29 22.55
C GLU A 90 11.97 3.72 22.49
N ASN A 91 12.29 4.69 21.64
CA ASN A 91 13.65 5.23 21.59
C ASN A 91 14.07 5.80 22.94
N ALA A 92 13.19 6.55 23.59
CA ALA A 92 13.54 7.14 24.88
C ALA A 92 13.71 6.08 25.95
N ALA A 93 12.87 5.03 25.91
CA ALA A 93 12.90 3.96 26.90
C ALA A 93 14.04 2.98 26.66
N GLY A 94 14.58 2.93 25.46
CA GLY A 94 15.58 1.94 25.12
C GLY A 94 15.07 0.53 24.96
N LYS A 95 13.79 0.36 24.66
CA LYS A 95 13.21 -0.98 24.57
C LYS A 95 11.83 -0.89 23.94
N ALA A 96 11.35 -2.03 23.48
CA ALA A 96 9.97 -2.11 23.01
C ALA A 96 8.98 -1.94 24.16
N LEU A 97 7.95 -1.14 23.90
CA LEU A 97 6.84 -0.90 24.80
C LEU A 97 5.50 -1.35 24.22
N PHE A 98 5.35 -1.29 22.90
CA PHE A 98 4.16 -1.77 22.23
C PHE A 98 4.38 -3.22 21.83
N GLY A 99 3.30 -4.01 21.88
CA GLY A 99 3.37 -5.43 21.64
C GLY A 99 3.01 -5.87 20.24
N SER A 100 2.16 -6.88 20.13
N SER A 100 2.11 -6.84 20.15
CA SER A 100 1.92 -7.55 18.87
CA SER A 100 1.81 -7.57 18.93
C SER A 100 0.99 -6.75 17.97
C SER A 100 0.97 -6.73 17.97
N TYR A 101 0.89 -7.22 16.73
CA TYR A 101 0.22 -6.48 15.68
C TYR A 101 -1.23 -6.20 16.01
N ARG A 102 -1.60 -4.93 15.98
CA ARG A 102 -3.00 -4.50 16.18
C ARG A 102 -3.58 -5.12 17.47
N ASN A 103 -2.76 -5.21 18.51
CA ASN A 103 -3.18 -5.85 19.75
C ASN A 103 -2.79 -5.03 20.97
N PRO A 104 -3.64 -4.08 21.35
CA PRO A 104 -3.33 -3.23 22.50
C PRO A 104 -3.26 -3.98 23.81
N LEU A 105 -3.83 -5.17 23.90
CA LEU A 105 -3.78 -5.91 25.15
C LEU A 105 -2.35 -6.30 25.53
N THR A 106 -1.42 -6.32 24.57
CA THR A 106 -0.05 -6.73 24.79
C THR A 106 0.91 -5.57 24.99
N ASP A 107 0.39 -4.35 25.05
CA ASP A 107 1.25 -3.20 25.24
C ASP A 107 1.58 -3.03 26.73
N ASP A 108 2.78 -2.50 26.99
CA ASP A 108 3.12 -2.05 28.33
C ASP A 108 2.11 -1.02 28.81
N GLU A 109 1.82 -1.06 30.11
CA GLU A 109 0.87 -0.12 30.69
C GLU A 109 1.25 1.33 30.40
N SER A 110 2.56 1.60 30.29
CA SER A 110 3.03 2.97 30.09
C SER A 110 2.55 3.58 28.78
N VAL A 111 2.10 2.78 27.82
CA VAL A 111 1.70 3.34 26.54
C VAL A 111 0.22 3.08 26.23
N LYS A 112 -0.59 2.74 27.23
CA LYS A 112 -2.02 2.76 27.05
C LYS A 112 -2.44 4.14 26.58
N GLY A 113 -3.35 4.19 25.62
CA GLY A 113 -3.83 5.47 25.13
C GLY A 113 -2.88 6.19 24.20
N GLU A 114 -1.88 5.50 23.67
CA GLU A 114 -1.00 6.08 22.66
C GLU A 114 -1.31 5.49 21.29
N TYR A 115 -1.10 6.30 20.24
CA TYR A 115 -1.19 5.76 18.90
C TYR A 115 -0.14 4.66 18.70
N ARG A 116 -0.58 3.53 18.15
CA ARG A 116 0.29 2.37 17.97
C ARG A 116 0.97 2.36 16.61
N SER A 117 0.70 3.38 15.78
CA SER A 117 1.19 3.45 14.41
C SER A 117 2.69 3.22 14.31
N THR A 118 3.07 2.40 13.33
CA THR A 118 4.45 2.25 12.88
C THR A 118 4.70 3.05 11.60
N ALA A 119 3.66 3.67 11.03
CA ALA A 119 3.81 4.47 9.81
C ALA A 119 4.59 3.71 8.74
N ASN A 120 4.25 2.43 8.56
CA ASN A 120 5.12 1.52 7.83
C ASN A 120 4.56 1.03 6.49
N THR A 121 3.43 1.57 6.04
CA THR A 121 2.70 0.98 4.91
C THR A 121 2.77 1.81 3.64
N ASN A 122 2.84 3.13 3.73
CA ASN A 122 3.00 3.96 2.54
C ASN A 122 3.87 5.17 2.87
N ALA A 123 4.55 5.65 1.83
CA ALA A 123 5.29 6.91 1.83
C ALA A 123 4.73 7.70 0.65
N PHE A 124 3.81 8.61 0.95
CA PHE A 124 2.98 9.28 -0.05
C PHE A 124 3.19 10.79 0.02
N VAL A 125 3.13 11.46 -1.12
CA VAL A 125 3.37 12.90 -1.21
C VAL A 125 2.07 13.60 -1.51
N PHE A 126 1.74 14.62 -0.71
CA PHE A 126 0.53 15.40 -0.91
C PHE A 126 0.66 16.70 -0.14
N ALA A 127 0.25 17.81 -0.75
CA ALA A 127 0.18 19.10 -0.06
C ALA A 127 1.53 19.51 0.54
N GLY A 128 2.61 19.21 -0.18
CA GLY A 128 3.94 19.60 0.26
C GLY A 128 4.50 18.78 1.40
N LYS A 129 3.82 17.71 1.81
CA LYS A 129 4.25 16.89 2.90
C LYS A 129 4.46 15.46 2.42
N LEU A 130 5.30 14.73 3.15
CA LEU A 130 5.44 13.29 3.03
C LEU A 130 4.59 12.66 4.11
N TRP A 131 3.73 11.74 3.70
CA TRP A 131 2.78 11.06 4.58
C TRP A 131 3.33 9.65 4.78
N ALA A 132 3.65 9.31 6.02
CA ALA A 132 4.13 7.98 6.39
C ALA A 132 2.96 7.32 7.11
N MET A 133 2.40 6.29 6.51
CA MET A 133 1.00 5.95 6.75
C MET A 133 0.84 4.57 7.34
N LYS A 134 -0.12 4.45 8.26
CA LYS A 134 -0.51 3.18 8.86
C LYS A 134 -1.98 3.27 9.24
N GLU A 135 -2.76 2.28 8.82
CA GLU A 135 -4.21 2.41 8.81
C GLU A 135 -4.88 2.30 10.17
N ASP A 136 -4.12 2.17 11.26
CA ASP A 136 -4.68 2.07 12.60
C ASP A 136 -4.69 3.39 13.36
N SER A 137 -4.26 4.47 12.74
CA SER A 137 -4.04 5.75 13.41
C SER A 137 -4.13 6.85 12.37
N PRO A 138 -4.18 8.10 12.79
CA PRO A 138 -3.95 9.21 11.84
C PRO A 138 -2.60 9.01 11.15
N SER A 139 -2.48 9.53 9.94
CA SER A 139 -1.20 9.46 9.25
C SER A 139 -0.16 10.29 9.99
N LEU A 140 1.08 9.83 9.94
CA LEU A 140 2.21 10.67 10.26
C LEU A 140 2.52 11.57 9.08
N THR A 141 3.06 12.76 9.34
CA THR A 141 3.59 13.58 8.28
C THR A 141 5.04 13.95 8.57
N MET A 142 5.76 14.23 7.49
CA MET A 142 7.19 14.46 7.45
C MET A 142 7.53 15.50 6.40
N ASP A 143 8.70 16.10 6.54
CA ASP A 143 9.21 17.05 5.55
C ASP A 143 9.83 16.24 4.40
N PRO A 144 9.35 16.38 3.16
CA PRO A 144 9.86 15.52 2.09
C PRO A 144 11.27 15.87 1.67
N ALA A 145 11.75 17.07 2.00
CA ALA A 145 13.09 17.50 1.64
C ALA A 145 14.11 17.07 2.70
N THR A 146 13.85 17.39 3.97
CA THR A 146 14.81 17.02 5.01
C THR A 146 14.54 15.64 5.59
N MET A 147 13.31 15.15 5.44
CA MET A 147 12.84 13.89 6.00
C MET A 147 12.81 13.88 7.52
N GLU A 148 12.78 15.06 8.14
CA GLU A 148 12.39 15.18 9.53
C GLU A 148 10.91 14.86 9.68
N THR A 149 10.52 14.50 10.89
CA THR A 149 9.13 14.16 11.20
C THR A 149 8.41 15.34 11.84
N PHE A 150 7.18 15.61 11.39
CA PHE A 150 6.33 16.57 12.05
C PHE A 150 5.53 15.94 13.19
N GLY A 151 4.70 14.95 12.87
CA GLY A 151 3.82 14.34 13.84
C GLY A 151 2.60 13.80 13.14
N PHE A 152 1.59 13.47 13.93
CA PHE A 152 0.34 12.94 13.42
C PHE A 152 -0.56 14.08 12.95
N GLU A 153 -1.27 13.84 11.84
CA GLU A 153 -2.11 14.86 11.22
C GLU A 153 -3.59 14.61 11.54
N LYS A 154 -4.18 15.50 12.31
CA LYS A 154 -5.61 15.45 12.54
C LYS A 154 -6.32 16.71 12.06
N PHE A 155 -5.68 17.49 11.18
CA PHE A 155 -6.36 18.55 10.43
C PHE A 155 -7.03 19.58 11.35
N GLY A 156 -6.25 20.08 12.31
CA GLY A 156 -6.79 21.15 13.15
C GLY A 156 -7.99 20.74 13.95
N GLY A 157 -8.06 19.48 14.37
CA GLY A 157 -9.20 19.00 15.11
C GLY A 157 -10.42 18.67 14.26
N LYS A 158 -10.39 18.94 12.97
CA LYS A 158 -11.56 18.70 12.15
C LYS A 158 -11.76 17.24 11.83
N MET A 159 -10.69 16.43 11.92
CA MET A 159 -10.84 14.99 11.84
C MET A 159 -11.18 14.47 13.23
N THR A 160 -12.35 13.85 13.36
CA THR A 160 -12.73 13.22 14.60
C THR A 160 -12.64 11.69 14.56
N GLY A 161 -12.57 11.09 13.38
CA GLY A 161 -12.23 9.68 13.30
C GLY A 161 -10.85 9.42 13.88
N GLN A 162 -10.64 8.19 14.33
CA GLN A 162 -9.41 7.84 15.03
C GLN A 162 -8.35 7.21 14.15
N THR A 163 -8.65 7.00 12.87
CA THR A 163 -7.77 6.28 11.97
C THR A 163 -7.80 6.93 10.59
N PHE A 164 -6.78 6.60 9.80
CA PHE A 164 -6.58 7.13 8.45
C PHE A 164 -5.87 6.05 7.65
N THR A 165 -6.31 5.88 6.40
CA THR A 165 -5.83 4.84 5.51
C THR A 165 -4.36 5.02 5.19
N ALA A 166 -3.78 3.92 4.67
CA ALA A 166 -2.47 3.97 4.02
C ALA A 166 -2.57 3.86 2.51
N HIS A 167 -3.80 3.94 1.95
CA HIS A 167 -3.99 3.89 0.50
C HIS A 167 -4.75 5.11 0.00
N PRO A 168 -4.28 6.32 0.29
CA PRO A 168 -4.97 7.50 -0.22
C PRO A 168 -4.94 7.57 -1.74
N LYS A 169 -6.00 8.17 -2.28
CA LYS A 169 -6.12 8.43 -3.71
C LYS A 169 -6.13 9.93 -3.92
N VAL A 170 -5.70 10.37 -5.10
CA VAL A 170 -5.79 11.78 -5.49
C VAL A 170 -6.69 11.86 -6.72
N ASP A 171 -7.78 12.59 -6.58
CA ASP A 171 -8.74 12.76 -7.65
C ASP A 171 -8.20 13.78 -8.64
N PRO A 172 -7.95 13.41 -9.90
CA PRO A 172 -7.36 14.37 -10.83
C PRO A 172 -8.28 15.51 -11.21
N LEU A 173 -9.58 15.37 -11.00
CA LEU A 173 -10.52 16.43 -11.36
C LEU A 173 -10.43 17.61 -10.41
N THR A 174 -9.95 17.41 -9.18
CA THR A 174 -9.87 18.47 -8.18
C THR A 174 -8.50 18.58 -7.52
N GLY A 175 -7.67 17.56 -7.58
CA GLY A 175 -6.49 17.50 -6.77
C GLY A 175 -6.74 17.12 -5.33
N ASN A 176 -7.96 16.76 -4.96
CA ASN A 176 -8.23 16.38 -3.57
C ASN A 176 -7.63 15.02 -3.27
N MET A 177 -7.15 14.87 -2.03
CA MET A 177 -6.89 13.54 -1.49
C MET A 177 -8.20 12.95 -0.99
N VAL A 178 -8.46 11.70 -1.35
CA VAL A 178 -9.62 10.95 -0.86
C VAL A 178 -9.12 9.79 -0.04
N ALA A 179 -9.63 9.67 1.19
CA ALA A 179 -9.13 8.69 2.14
C ALA A 179 -10.31 8.14 2.93
N ILE A 180 -10.07 6.99 3.56
CA ILE A 180 -11.00 6.41 4.53
C ILE A 180 -10.25 6.25 5.85
N GLY A 181 -11.00 5.95 6.89
CA GLY A 181 -10.43 5.40 8.11
C GLY A 181 -11.40 4.40 8.69
N TYR A 182 -11.02 3.13 8.78
CA TYR A 182 -11.91 2.12 9.36
C TYR A 182 -11.58 1.91 10.84
N ALA A 183 -12.46 1.20 11.54
CA ALA A 183 -12.40 1.15 13.01
C ALA A 183 -12.33 2.57 13.55
N ALA A 184 -13.16 3.45 12.99
CA ALA A 184 -12.99 4.88 13.18
C ALA A 184 -13.33 5.35 14.57
N SER A 185 -14.15 4.59 15.32
CA SER A 185 -14.52 4.95 16.69
C SER A 185 -13.83 4.08 17.73
N GLY A 186 -12.87 3.26 17.33
CA GLY A 186 -12.18 2.38 18.24
C GLY A 186 -11.93 1.03 17.61
N LEU A 187 -11.03 0.26 18.22
CA LEU A 187 -10.62 -1.00 17.65
C LEU A 187 -11.82 -1.89 17.36
N CYS A 188 -11.83 -2.47 16.16
CA CYS A 188 -12.80 -3.51 15.79
C CYS A 188 -14.22 -2.98 15.61
N THR A 189 -14.42 -1.67 15.61
CA THR A 189 -15.73 -1.10 15.37
C THR A 189 -16.09 -1.17 13.89
N ASP A 190 -17.39 -1.10 13.61
CA ASP A 190 -17.90 -1.13 12.23
C ASP A 190 -18.07 0.27 11.63
N ASP A 191 -17.57 1.30 12.29
CA ASP A 191 -17.63 2.66 11.78
C ASP A 191 -16.47 2.94 10.84
N VAL A 192 -16.78 3.64 9.76
CA VAL A 192 -15.79 4.09 8.78
C VAL A 192 -16.04 5.56 8.48
N CYS A 193 -14.96 6.33 8.33
CA CYS A 193 -15.01 7.69 7.83
C CYS A 193 -14.52 7.76 6.40
N LEU A 194 -15.17 8.60 5.60
CA LEU A 194 -14.69 9.03 4.31
C LEU A 194 -14.20 10.46 4.51
N TYR A 195 -12.99 10.73 4.05
CA TYR A 195 -12.39 12.05 4.15
C TYR A 195 -12.01 12.56 2.77
N GLU A 196 -12.15 13.87 2.55
CA GLU A 196 -11.55 14.52 1.40
C GLU A 196 -10.75 15.71 1.89
N ILE A 197 -9.53 15.83 1.36
CA ILE A 197 -8.57 16.87 1.76
C ILE A 197 -8.25 17.69 0.51
N SER A 198 -8.28 19.02 0.63
CA SER A 198 -7.99 19.84 -0.51
C SER A 198 -6.48 19.90 -0.77
N PRO A 199 -6.11 20.35 -1.96
CA PRO A 199 -4.68 20.38 -2.30
C PRO A 199 -3.83 21.16 -1.32
N ASP A 200 -4.42 22.11 -0.60
CA ASP A 200 -3.72 22.89 0.42
C ASP A 200 -3.54 22.15 1.73
N GLY A 201 -4.10 20.95 1.84
CA GLY A 201 -3.94 20.15 3.03
C GLY A 201 -5.01 20.32 4.09
N GLU A 202 -6.07 21.05 3.78
CA GLU A 202 -7.18 21.26 4.72
C GLU A 202 -8.24 20.17 4.53
N LEU A 203 -8.78 19.69 5.63
CA LEU A 203 -9.88 18.74 5.56
C LEU A 203 -11.13 19.44 5.03
N ILE A 204 -11.70 18.92 3.94
CA ILE A 204 -12.92 19.48 3.39
C ILE A 204 -14.13 18.91 4.11
N TYR A 205 -14.22 17.59 4.18
CA TYR A 205 -15.32 16.99 4.93
C TYR A 205 -14.90 15.63 5.46
N GLU A 206 -15.64 15.21 6.50
CA GLU A 206 -15.55 13.89 7.10
C GLU A 206 -16.97 13.35 7.17
N ALA A 207 -17.20 12.18 6.61
CA ALA A 207 -18.52 11.54 6.58
C ALA A 207 -18.44 10.16 7.20
N TRP A 208 -19.36 9.87 8.11
CA TRP A 208 -19.37 8.62 8.85
C TRP A 208 -20.41 7.66 8.29
N PHE A 209 -20.09 6.38 8.30
CA PHE A 209 -21.02 5.32 7.91
C PHE A 209 -20.60 4.03 8.57
N LYS A 210 -21.44 3.00 8.44
CA LYS A 210 -21.17 1.68 8.98
C LYS A 210 -21.10 0.66 7.86
N VAL A 211 -20.33 -0.39 8.10
CA VAL A 211 -20.12 -1.44 7.11
C VAL A 211 -20.76 -2.74 7.58
N PRO A 212 -20.94 -3.71 6.67
CA PRO A 212 -21.60 -4.97 7.05
C PRO A 212 -20.94 -5.69 8.20
N TYR A 213 -19.61 -5.69 8.26
CA TYR A 213 -18.90 -6.26 9.39
C TYR A 213 -17.50 -5.65 9.43
N TYR A 214 -16.92 -5.59 10.63
CA TYR A 214 -15.56 -5.13 10.80
C TYR A 214 -14.64 -6.14 10.11
N CYS A 215 -13.69 -5.62 9.36
CA CYS A 215 -12.73 -6.43 8.63
C CYS A 215 -11.58 -5.50 8.24
N MET A 216 -10.54 -6.08 7.66
CA MET A 216 -9.44 -5.27 7.16
C MET A 216 -9.88 -4.51 5.91
N MET A 217 -10.10 -3.22 6.06
CA MET A 217 -10.45 -2.34 4.94
C MET A 217 -9.20 -1.56 4.54
N HIS A 218 -8.29 -2.31 3.91
CA HIS A 218 -6.93 -1.85 3.61
C HIS A 218 -6.90 -0.88 2.43
N ASP A 219 -7.71 -1.14 1.41
CA ASP A 219 -7.66 -0.37 0.17
C ASP A 219 -9.10 -0.16 -0.28
N PHE A 220 -9.27 0.62 -1.34
CA PHE A 220 -10.60 1.05 -1.82
C PHE A 220 -10.34 1.72 -3.17
N GLY A 221 -11.43 1.98 -3.89
CA GLY A 221 -11.38 2.77 -5.10
C GLY A 221 -12.12 4.08 -4.94
N VAL A 222 -11.82 5.02 -5.83
CA VAL A 222 -12.47 6.32 -5.87
C VAL A 222 -12.84 6.63 -7.31
N THR A 223 -14.08 7.07 -7.52
CA THR A 223 -14.52 7.60 -8.80
C THR A 223 -15.05 9.00 -8.57
N LYS A 224 -15.50 9.66 -9.63
CA LYS A 224 -15.96 11.04 -9.45
C LYS A 224 -17.04 11.11 -8.38
N ASP A 225 -18.00 10.19 -8.41
CA ASP A 225 -19.14 10.28 -7.53
C ASP A 225 -19.02 9.41 -6.29
N TYR A 226 -18.07 8.46 -6.25
CA TYR A 226 -18.18 7.42 -5.25
C TYR A 226 -16.86 7.02 -4.60
N LEU A 227 -17.00 6.60 -3.36
CA LEU A 227 -16.07 5.69 -2.70
C LEU A 227 -16.52 4.26 -3.00
N VAL A 228 -15.58 3.41 -3.39
CA VAL A 228 -15.86 2.03 -3.82
C VAL A 228 -15.13 1.12 -2.85
N LEU A 229 -15.87 0.46 -1.96
CA LEU A 229 -15.26 -0.16 -0.79
C LEU A 229 -15.58 -1.63 -0.74
N HIS A 230 -14.57 -2.47 -0.98
CA HIS A 230 -14.76 -3.92 -0.87
C HIS A 230 -14.68 -4.37 0.58
N ILE A 231 -15.55 -5.31 0.92
CA ILE A 231 -15.72 -5.87 2.26
C ILE A 231 -15.36 -7.35 2.13
N VAL A 232 -14.17 -7.71 2.61
CA VAL A 232 -13.55 -9.01 2.41
C VAL A 232 -13.28 -9.56 3.81
N PRO A 233 -13.65 -10.80 4.11
CA PRO A 233 -13.67 -11.24 5.53
C PRO A 233 -12.33 -11.75 6.07
N SER A 234 -11.31 -10.89 5.99
CA SER A 234 -10.19 -10.95 6.93
C SER A 234 -10.67 -10.18 8.15
N ILE A 235 -11.17 -10.89 9.15
CA ILE A 235 -11.89 -10.26 10.24
C ILE A 235 -11.04 -10.28 11.50
N GLY A 236 -11.35 -9.37 12.41
CA GLY A 236 -10.69 -9.31 13.69
C GLY A 236 -11.71 -9.06 14.77
N SER A 237 -11.30 -9.22 16.03
CA SER A 237 -12.18 -8.97 17.15
C SER A 237 -11.36 -8.90 18.42
N TRP A 238 -11.93 -8.25 19.44
CA TRP A 238 -11.30 -8.27 20.75
C TRP A 238 -11.20 -9.70 21.28
N ASP A 239 -12.17 -10.56 20.97
CA ASP A 239 -12.11 -11.94 21.47
C ASP A 239 -10.88 -12.66 20.92
N ARG A 240 -10.59 -12.48 19.63
CA ARG A 240 -9.36 -13.05 19.06
C ARG A 240 -8.14 -12.61 19.85
N LEU A 241 -8.06 -11.31 20.16
CA LEU A 241 -6.91 -10.79 20.88
C LEU A 241 -6.84 -11.37 22.29
N GLU A 242 -7.98 -11.51 22.95
CA GLU A 242 -7.97 -12.06 24.30
C GLU A 242 -7.47 -13.49 24.28
N LYS A 243 -7.77 -14.23 23.21
CA LYS A 243 -7.34 -15.61 23.07
C LYS A 243 -5.93 -15.72 22.55
N GLY A 244 -5.24 -14.62 22.31
CA GLY A 244 -3.86 -14.64 21.86
C GLY A 244 -3.67 -14.95 20.40
N LEU A 245 -4.70 -14.81 19.60
CA LEU A 245 -4.59 -15.10 18.18
C LEU A 245 -4.16 -13.86 17.42
N PRO A 246 -3.65 -14.02 16.19
CA PRO A 246 -3.37 -12.85 15.37
C PRO A 246 -4.64 -12.03 15.19
N HIS A 247 -4.49 -10.71 15.14
CA HIS A 247 -5.66 -9.85 15.12
C HIS A 247 -6.65 -10.29 14.05
N PHE A 248 -6.16 -10.47 12.83
CA PHE A 248 -7.00 -10.88 11.72
C PHE A 248 -6.92 -12.38 11.45
N GLY A 249 -8.05 -12.91 10.98
CA GLY A 249 -8.11 -14.26 10.45
C GLY A 249 -9.15 -14.27 9.35
N PHE A 250 -9.02 -15.21 8.42
CA PHE A 250 -9.90 -15.23 7.26
C PHE A 250 -11.06 -16.20 7.46
N ASP A 251 -12.28 -15.73 7.19
CA ASP A 251 -13.49 -16.55 7.34
C ASP A 251 -14.04 -16.84 5.95
N THR A 252 -13.88 -18.09 5.49
CA THR A 252 -14.34 -18.46 4.16
C THR A 252 -15.86 -18.56 4.08
N THR A 253 -16.58 -18.48 5.20
CA THR A 253 -18.02 -18.64 5.19
C THR A 253 -18.78 -17.33 5.09
N LEU A 254 -18.09 -16.21 5.11
CA LEU A 254 -18.81 -14.95 5.01
C LEU A 254 -18.88 -14.44 3.58
N PRO A 255 -19.94 -13.73 3.24
CA PRO A 255 -20.03 -13.13 1.91
C PRO A 255 -19.07 -11.96 1.78
N VAL A 256 -18.77 -11.64 0.52
CA VAL A 256 -18.02 -10.45 0.15
C VAL A 256 -19.00 -9.41 -0.35
N TYR A 257 -18.77 -8.16 0.01
CA TYR A 257 -19.57 -7.06 -0.50
C TYR A 257 -18.70 -6.05 -1.24
N LEU A 258 -19.34 -5.30 -2.12
CA LEU A 258 -18.80 -4.07 -2.65
C LEU A 258 -19.77 -2.95 -2.35
N GLY A 259 -19.32 -1.96 -1.58
CA GLY A 259 -20.14 -0.84 -1.21
C GLY A 259 -19.85 0.34 -2.14
N ILE A 260 -20.91 0.97 -2.59
CA ILE A 260 -20.83 2.18 -3.40
C ILE A 260 -21.39 3.29 -2.55
N ILE A 261 -20.50 4.18 -2.12
CA ILE A 261 -20.77 5.18 -1.10
C ILE A 261 -20.62 6.55 -1.73
N PRO A 262 -21.65 7.39 -1.72
CA PRO A 262 -21.51 8.72 -2.33
C PRO A 262 -20.41 9.55 -1.68
N ARG A 263 -19.61 10.19 -2.54
CA ARG A 263 -18.57 11.13 -2.11
C ARG A 263 -19.22 12.45 -1.76
N ARG A 264 -19.86 12.48 -0.60
CA ARG A 264 -20.66 13.63 -0.22
C ARG A 264 -20.58 13.86 1.29
N ALA A 265 -20.38 15.11 1.67
CA ALA A 265 -20.36 15.46 3.08
C ALA A 265 -21.68 15.14 3.75
N ASP A 266 -22.79 15.16 2.99
CA ASP A 266 -24.10 14.91 3.54
C ASP A 266 -24.48 13.43 3.52
N LEU A 267 -23.51 12.55 3.31
CA LEU A 267 -23.78 11.11 3.25
C LEU A 267 -24.61 10.64 4.42
N LYS A 268 -25.61 9.82 4.13
CA LYS A 268 -26.38 9.09 5.12
C LYS A 268 -26.28 7.59 4.79
N GLN A 269 -26.42 6.77 5.80
CA GLN A 269 -26.32 5.32 5.62
C GLN A 269 -27.22 4.82 4.51
N GLU A 270 -28.43 5.36 4.40
CA GLU A 270 -29.37 4.85 3.42
C GLU A 270 -28.99 5.19 1.99
N ASP A 271 -28.02 6.09 1.79
CA ASP A 271 -27.55 6.42 0.46
C ASP A 271 -26.62 5.36 -0.13
N ILE A 272 -26.16 4.42 0.68
CA ILE A 272 -25.14 3.46 0.27
C ILE A 272 -25.82 2.25 -0.34
N ARG A 273 -25.24 1.72 -1.41
CA ARG A 273 -25.65 0.43 -1.97
C ARG A 273 -24.58 -0.61 -1.66
N TRP A 274 -24.98 -1.75 -1.14
CA TRP A 274 -24.09 -2.89 -0.89
C TRP A 274 -24.43 -3.97 -1.91
N PHE A 275 -23.48 -4.31 -2.76
CA PHE A 275 -23.60 -5.46 -3.64
C PHE A 275 -22.90 -6.63 -2.99
N LYS A 276 -23.41 -7.83 -3.25
CA LYS A 276 -23.00 -9.02 -2.51
C LYS A 276 -22.62 -10.13 -3.48
N ARG A 277 -21.53 -10.82 -3.16
CA ARG A 277 -21.12 -11.99 -3.93
C ARG A 277 -20.56 -13.06 -2.99
N GLU A 278 -20.16 -14.18 -3.59
CA GLU A 278 -19.64 -15.28 -2.81
C GLU A 278 -18.26 -14.96 -2.26
N ASN A 279 -17.87 -15.74 -1.26
CA ASN A 279 -16.59 -15.55 -0.59
C ASN A 279 -15.45 -15.65 -1.57
N CYS A 280 -14.50 -14.74 -1.41
CA CYS A 280 -13.27 -14.68 -2.19
C CYS A 280 -12.37 -13.70 -1.44
N PHE A 281 -11.18 -13.46 -1.97
CA PHE A 281 -10.23 -12.54 -1.35
C PHE A 281 -9.77 -11.51 -2.36
N ALA A 282 -9.77 -10.25 -1.93
CA ALA A 282 -9.10 -9.20 -2.66
C ALA A 282 -8.62 -8.19 -1.64
N SER A 283 -7.46 -7.60 -1.91
CA SER A 283 -6.89 -6.57 -1.04
C SER A 283 -6.74 -5.25 -1.79
N HIS A 284 -5.95 -5.20 -2.84
CA HIS A 284 -5.60 -3.96 -3.48
C HIS A 284 -6.48 -3.62 -4.67
N VAL A 285 -6.54 -2.34 -4.97
CA VAL A 285 -7.29 -1.80 -6.10
C VAL A 285 -6.31 -1.24 -7.13
N MET A 286 -6.39 -1.73 -8.37
CA MET A 286 -5.65 -1.08 -9.45
C MET A 286 -6.24 0.28 -9.76
N ASN A 287 -7.54 0.32 -10.06
CA ASN A 287 -8.27 1.55 -10.31
C ASN A 287 -9.75 1.21 -10.31
N ALA A 288 -10.57 2.25 -10.12
CA ALA A 288 -12.02 2.15 -10.28
C ALA A 288 -12.46 3.29 -11.19
N PHE A 289 -13.61 3.10 -11.87
CA PHE A 289 -14.15 4.14 -12.73
C PHE A 289 -15.62 3.87 -12.98
N GLN A 290 -16.32 4.91 -13.45
CA GLN A 290 -17.74 4.84 -13.78
C GLN A 290 -17.94 4.76 -15.28
N GLU A 291 -19.05 4.14 -15.67
CA GLU A 291 -19.47 4.05 -17.08
C GLU A 291 -20.98 3.97 -17.02
N GLY A 292 -21.64 5.03 -17.48
CA GLY A 292 -23.10 5.03 -17.39
C GLY A 292 -23.51 4.98 -15.94
N THR A 293 -24.43 4.06 -15.62
CA THR A 293 -24.85 3.85 -14.23
C THR A 293 -24.04 2.77 -13.53
N LYS A 294 -22.96 2.29 -14.14
CA LYS A 294 -22.15 1.24 -13.58
C LYS A 294 -20.88 1.79 -12.92
N VAL A 295 -20.36 0.97 -12.01
CA VAL A 295 -19.05 1.18 -11.39
C VAL A 295 -18.21 -0.06 -11.64
N HIS A 296 -16.97 0.16 -12.10
CA HIS A 296 -16.01 -0.91 -12.32
C HIS A 296 -14.86 -0.73 -11.36
N VAL A 297 -14.39 -1.82 -10.76
CA VAL A 297 -13.17 -1.79 -9.95
C VAL A 297 -12.33 -3.02 -10.28
N ASP A 298 -11.04 -2.79 -10.54
CA ASP A 298 -10.11 -3.85 -10.95
C ASP A 298 -9.22 -4.20 -9.76
N VAL A 299 -9.28 -5.46 -9.33
CA VAL A 299 -8.59 -5.92 -8.13
C VAL A 299 -7.88 -7.24 -8.40
N PRO A 300 -6.74 -7.53 -7.75
CA PRO A 300 -6.19 -8.89 -7.79
C PRO A 300 -7.05 -9.80 -6.92
N GLU A 301 -7.80 -10.70 -7.52
CA GLU A 301 -8.72 -11.56 -6.80
C GLU A 301 -8.11 -12.94 -6.64
N ALA A 302 -8.20 -13.48 -5.42
CA ALA A 302 -7.81 -14.84 -5.12
C ALA A 302 -9.02 -15.63 -4.61
N GLU A 303 -8.97 -16.94 -4.76
CA GLU A 303 -10.04 -17.80 -4.27
C GLU A 303 -10.16 -17.78 -2.75
N ASN A 304 -9.04 -17.60 -2.03
CA ASN A 304 -8.99 -17.72 -0.59
C ASN A 304 -7.94 -16.73 -0.07
N ASN A 305 -7.81 -16.69 1.25
CA ASN A 305 -6.91 -15.82 1.98
C ASN A 305 -5.52 -15.77 1.38
N MET A 306 -4.93 -14.56 1.37
CA MET A 306 -3.56 -14.39 0.93
C MET A 306 -2.58 -14.15 2.06
N PHE A 307 -3.05 -14.04 3.31
CA PHE A 307 -2.19 -13.69 4.43
C PHE A 307 -1.96 -14.91 5.33
N PRO A 308 -0.87 -15.67 5.16
CA PRO A 308 -0.68 -16.85 6.03
C PRO A 308 -0.62 -16.51 7.51
N PHE A 309 -0.13 -15.32 7.87
CA PHE A 309 0.00 -14.88 9.24
C PHE A 309 -1.33 -14.43 9.85
N PHE A 310 -2.40 -14.37 9.05
CA PHE A 310 -3.76 -14.04 9.52
C PHE A 310 -4.60 -15.25 9.13
N PRO A 311 -4.51 -16.35 9.86
CA PRO A 311 -4.93 -17.65 9.32
C PRO A 311 -6.45 -17.85 9.26
N ASP A 312 -6.81 -18.93 8.57
CA ASP A 312 -8.20 -19.36 8.48
C ASP A 312 -8.79 -19.51 9.86
N VAL A 313 -9.97 -18.91 10.06
CA VAL A 313 -10.53 -18.85 11.41
C VAL A 313 -11.01 -20.22 11.89
N HIS A 314 -11.20 -21.18 10.99
CA HIS A 314 -11.66 -22.53 11.31
C HIS A 314 -10.51 -23.53 11.37
N GLY A 315 -9.27 -23.04 11.37
CA GLY A 315 -8.12 -23.89 11.56
C GLY A 315 -7.56 -24.53 10.31
N ALA A 316 -8.07 -24.20 9.14
CA ALA A 316 -7.55 -24.80 7.92
C ALA A 316 -6.12 -24.35 7.69
N PRO A 317 -5.24 -25.24 7.24
CA PRO A 317 -3.87 -24.81 6.90
C PRO A 317 -3.89 -23.89 5.69
N PHE A 318 -2.86 -23.08 5.59
CA PHE A 318 -2.78 -22.12 4.48
C PHE A 318 -2.72 -22.87 3.15
N ASN A 319 -3.38 -22.32 2.14
CA ASN A 319 -3.44 -22.93 0.81
C ASN A 319 -2.81 -21.98 -0.20
N PRO A 320 -1.54 -22.17 -0.56
CA PRO A 320 -0.91 -21.24 -1.51
C PRO A 320 -1.58 -21.21 -2.89
N GLN A 321 -2.09 -22.35 -3.36
CA GLN A 321 -2.72 -22.35 -4.67
C GLN A 321 -3.96 -21.47 -4.69
N GLN A 322 -4.78 -21.54 -3.64
CA GLN A 322 -5.98 -20.72 -3.57
C GLN A 322 -5.65 -19.25 -3.25
N ALA A 323 -4.40 -18.95 -2.89
CA ALA A 323 -3.96 -17.59 -2.61
C ALA A 323 -3.43 -16.87 -3.84
N MET A 324 -3.38 -17.56 -4.98
N MET A 324 -3.38 -17.54 -4.99
CA MET A 324 -2.94 -16.94 -6.23
CA MET A 324 -2.87 -16.90 -6.19
C MET A 324 -3.96 -15.91 -6.67
C MET A 324 -3.92 -15.93 -6.74
N SER A 325 -3.52 -14.67 -6.87
CA SER A 325 -4.42 -13.59 -7.25
C SER A 325 -4.21 -13.16 -8.69
N ARG A 326 -5.31 -12.84 -9.36
CA ARG A 326 -5.29 -12.44 -10.75
C ARG A 326 -6.20 -11.24 -10.93
N LEU A 327 -5.72 -10.25 -11.67
CA LEU A 327 -6.48 -9.03 -11.91
C LEU A 327 -7.84 -9.34 -12.51
N THR A 328 -8.89 -8.82 -11.88
CA THR A 328 -10.28 -9.15 -12.18
C THR A 328 -11.11 -7.88 -12.04
N ARG A 329 -12.01 -7.69 -12.99
CA ARG A 329 -12.92 -6.54 -12.97
C ARG A 329 -14.22 -6.93 -12.28
N TRP A 330 -14.55 -6.21 -11.22
CA TRP A 330 -15.84 -6.32 -10.57
C TRP A 330 -16.69 -5.15 -11.06
N THR A 331 -17.86 -5.47 -11.62
CA THR A 331 -18.77 -4.45 -12.15
C THR A 331 -20.10 -4.53 -11.43
N VAL A 332 -20.59 -3.38 -10.97
CA VAL A 332 -21.91 -3.28 -10.36
C VAL A 332 -22.68 -2.18 -11.07
N ASP A 333 -24.00 -2.34 -11.15
CA ASP A 333 -24.87 -1.38 -11.82
C ASP A 333 -25.74 -0.73 -10.75
N MET A 334 -25.57 0.58 -10.55
CA MET A 334 -26.37 1.30 -9.57
C MET A 334 -27.86 1.27 -9.88
N ALA A 335 -28.22 0.99 -11.11
CA ALA A 335 -29.63 0.88 -11.47
C ALA A 335 -30.18 -0.54 -11.32
N SER A 336 -29.37 -1.50 -10.87
CA SER A 336 -29.85 -2.87 -10.83
C SER A 336 -30.88 -3.09 -9.72
N ASN A 337 -31.74 -4.10 -9.94
CA ASN A 337 -32.79 -4.40 -8.98
C ASN A 337 -32.25 -5.12 -7.76
N SER A 338 -31.44 -6.15 -7.99
CA SER A 338 -30.96 -6.98 -6.90
C SER A 338 -29.62 -6.46 -6.38
N ASP A 339 -29.05 -7.19 -5.42
CA ASP A 339 -27.73 -6.89 -4.90
C ASP A 339 -26.63 -7.73 -5.55
N GLU A 340 -26.95 -8.42 -6.63
CA GLU A 340 -25.93 -9.19 -7.34
C GLU A 340 -25.00 -8.26 -8.12
N PHE A 341 -23.73 -8.64 -8.20
CA PHE A 341 -22.80 -7.97 -9.11
C PHE A 341 -23.33 -8.08 -10.55
N ASP A 342 -23.07 -7.06 -11.35
CA ASP A 342 -23.40 -7.10 -12.77
C ASP A 342 -22.51 -8.10 -13.49
N SER A 343 -21.23 -8.16 -13.13
CA SER A 343 -20.32 -9.17 -13.66
C SER A 343 -19.03 -9.17 -12.85
N VAL A 344 -18.33 -10.31 -12.92
CA VAL A 344 -16.99 -10.52 -12.40
C VAL A 344 -16.18 -11.15 -13.54
N THR A 345 -15.14 -10.46 -14.00
CA THR A 345 -14.42 -10.86 -15.22
C THR A 345 -12.93 -10.85 -14.96
N ARG A 346 -12.31 -12.03 -15.02
CA ARG A 346 -10.85 -12.11 -14.95
C ARG A 346 -10.24 -11.44 -16.18
N LEU A 347 -9.28 -10.54 -15.94
CA LEU A 347 -8.66 -9.76 -17.02
C LEU A 347 -7.33 -10.33 -17.49
N THR A 348 -6.72 -11.21 -16.71
CA THR A 348 -5.45 -11.81 -17.11
C THR A 348 -5.32 -13.14 -16.40
N GLU A 349 -4.59 -14.05 -17.01
CA GLU A 349 -4.19 -15.27 -16.34
C GLU A 349 -2.88 -15.11 -15.58
N THR A 350 -2.20 -13.98 -15.77
CA THR A 350 -0.98 -13.69 -15.03
C THR A 350 -1.35 -13.46 -13.57
N ALA A 351 -0.63 -14.14 -12.67
CA ALA A 351 -0.83 -13.98 -11.24
C ALA A 351 0.06 -12.85 -10.75
N GLY A 352 -0.51 -11.98 -9.93
CA GLY A 352 0.27 -10.87 -9.43
C GLY A 352 -0.49 -10.05 -8.42
N GLU A 353 0.21 -9.03 -7.92
CA GLU A 353 -0.30 -8.17 -6.87
C GLU A 353 0.42 -6.83 -7.01
N PHE A 354 0.27 -5.97 -6.00
CA PHE A 354 0.81 -4.63 -6.01
C PHE A 354 0.46 -3.88 -7.33
N PRO A 355 -0.80 -3.80 -7.66
CA PRO A 355 -1.22 -3.13 -8.90
C PRO A 355 -1.04 -1.62 -8.83
N ARG A 356 -0.65 -1.04 -9.97
CA ARG A 356 -0.45 0.39 -10.09
C ARG A 356 -0.95 0.86 -11.44
N ILE A 357 -1.23 2.16 -11.50
CA ILE A 357 -1.59 2.86 -12.72
C ILE A 357 -0.76 4.14 -12.81
N ASP A 358 -0.89 4.83 -13.95
CA ASP A 358 -0.55 6.25 -14.05
C ASP A 358 -1.61 6.97 -13.23
N ASP A 359 -1.23 7.52 -12.08
CA ASP A 359 -2.23 7.99 -11.13
C ASP A 359 -3.02 9.18 -11.63
N ARG A 360 -2.62 9.80 -12.74
CA ARG A 360 -3.48 10.79 -13.36
C ARG A 360 -4.78 10.19 -13.88
N MET A 361 -4.88 8.87 -13.95
CA MET A 361 -6.09 8.20 -14.38
C MET A 361 -6.98 7.75 -13.22
N THR A 362 -6.66 8.17 -11.99
CA THR A 362 -7.40 7.73 -10.82
C THR A 362 -8.87 8.04 -11.01
N GLY A 363 -9.72 7.02 -10.96
CA GLY A 363 -11.15 7.25 -11.06
C GLY A 363 -11.69 7.35 -12.46
N LEU A 364 -10.85 7.17 -13.47
CA LEU A 364 -11.21 7.38 -14.85
C LEU A 364 -11.00 6.10 -15.66
N PRO A 365 -11.72 5.93 -16.77
CA PRO A 365 -11.38 4.85 -17.70
C PRO A 365 -9.91 4.96 -18.06
N TYR A 366 -9.26 3.80 -18.18
CA TYR A 366 -7.82 3.80 -18.25
C TYR A 366 -7.35 2.60 -19.06
N ARG A 367 -6.16 2.75 -19.64
CA ARG A 367 -5.63 1.76 -20.56
C ARG A 367 -4.57 0.87 -19.94
N TYR A 368 -3.72 1.37 -19.04
CA TYR A 368 -2.54 0.62 -18.64
C TYR A 368 -2.53 0.33 -17.15
N GLY A 369 -2.08 -0.87 -16.82
CA GLY A 369 -1.86 -1.25 -15.43
C GLY A 369 -0.60 -2.08 -15.29
N TRP A 370 0.20 -1.77 -14.26
CA TRP A 370 1.41 -2.49 -13.93
C TRP A 370 1.18 -3.29 -12.65
N MET A 371 1.85 -4.44 -12.56
CA MET A 371 1.78 -5.24 -11.35
C MET A 371 3.10 -5.94 -11.10
N LEU A 372 3.29 -6.39 -9.88
CA LEU A 372 4.28 -7.41 -9.59
C LEU A 372 3.67 -8.76 -9.91
N GLU A 373 4.40 -9.56 -10.66
CA GLU A 373 3.91 -10.85 -11.13
C GLU A 373 4.69 -11.98 -10.48
N MET A 374 3.96 -13.04 -10.14
CA MET A 374 4.54 -14.28 -9.68
C MET A 374 4.42 -15.29 -10.81
N ASP A 375 5.54 -15.56 -11.47
CA ASP A 375 5.60 -16.54 -12.55
C ASP A 375 6.28 -17.78 -12.01
N MET A 376 5.47 -18.78 -11.64
CA MET A 376 5.98 -19.98 -11.00
C MET A 376 6.65 -20.93 -11.97
N LYS A 377 6.60 -20.64 -13.26
CA LYS A 377 7.30 -21.45 -14.24
C LYS A 377 8.77 -21.06 -14.38
N ARG A 378 9.16 -19.89 -13.87
CA ARG A 378 10.54 -19.48 -14.02
C ARG A 378 11.44 -20.27 -13.07
N PRO A 379 12.68 -20.52 -13.47
CA PRO A 379 13.63 -21.11 -12.52
C PRO A 379 13.85 -20.17 -11.34
N VAL A 380 14.09 -20.76 -10.18
CA VAL A 380 14.37 -19.99 -8.97
C VAL A 380 15.35 -20.75 -8.10
N GLU A 381 16.31 -20.02 -7.54
CA GLU A 381 17.34 -20.62 -6.69
C GLU A 381 17.45 -19.85 -5.38
N LEU A 391 6.73 -15.93 -4.80
CA LEU A 391 7.94 -15.26 -5.26
C LEU A 391 7.66 -14.27 -6.39
N MET A 392 7.77 -12.98 -6.08
N MET A 392 7.78 -12.98 -6.08
CA MET A 392 7.46 -11.93 -7.03
CA MET A 392 7.46 -11.93 -7.03
C MET A 392 8.69 -11.67 -7.90
C MET A 392 8.68 -11.67 -7.90
N ASN A 393 8.69 -12.27 -9.10
CA ASN A 393 9.89 -12.30 -9.91
C ASN A 393 9.77 -11.58 -11.24
N CYS A 394 8.63 -10.96 -11.53
CA CYS A 394 8.47 -10.26 -12.79
C CYS A 394 7.76 -8.93 -12.60
N LEU A 395 8.05 -8.00 -13.51
CA LEU A 395 7.25 -6.80 -13.70
C LEU A 395 6.28 -7.10 -14.84
N PHE A 396 5.02 -6.74 -14.67
CA PHE A 396 3.94 -7.06 -15.60
C PHE A 396 3.22 -5.79 -16.01
N LEU A 397 2.90 -5.67 -17.30
CA LEU A 397 2.12 -4.56 -17.82
C LEU A 397 0.97 -5.10 -18.64
N LYS A 398 -0.24 -4.66 -18.32
CA LYS A 398 -1.45 -5.02 -19.05
C LYS A 398 -1.96 -3.81 -19.82
N ASP A 399 -2.32 -4.03 -21.09
CA ASP A 399 -2.95 -3.04 -21.95
C ASP A 399 -4.41 -3.44 -22.07
N HIS A 400 -5.30 -2.66 -21.43
CA HIS A 400 -6.71 -3.00 -21.45
C HIS A 400 -7.35 -2.73 -22.81
N GLN A 401 -6.73 -1.91 -23.65
CA GLN A 401 -7.31 -1.62 -24.94
C GLN A 401 -7.12 -2.77 -25.91
N THR A 402 -5.90 -3.29 -26.00
CA THR A 402 -5.60 -4.36 -26.92
C THR A 402 -5.57 -5.73 -26.27
N GLY A 403 -5.49 -5.80 -24.95
CA GLY A 403 -5.29 -7.05 -24.25
C GLY A 403 -3.85 -7.44 -24.09
N ALA A 404 -2.92 -6.76 -24.78
CA ALA A 404 -1.53 -7.17 -24.79
C ALA A 404 -0.93 -7.16 -23.39
N GLU A 405 0.02 -8.07 -23.19
CA GLU A 405 0.73 -8.23 -21.93
C GLU A 405 2.22 -8.20 -22.18
N GLN A 406 2.94 -7.52 -21.29
CA GLN A 406 4.40 -7.51 -21.25
C GLN A 406 4.88 -8.04 -19.91
N HIS A 407 6.01 -8.72 -19.94
CA HIS A 407 6.61 -9.28 -18.75
C HIS A 407 8.10 -9.03 -18.80
N TRP A 408 8.69 -8.71 -17.64
CA TRP A 408 10.14 -8.68 -17.50
C TRP A 408 10.54 -9.45 -16.25
N TRP A 409 11.39 -10.45 -16.40
CA TRP A 409 11.82 -11.32 -15.31
C TRP A 409 13.15 -10.83 -14.73
N CYS A 410 13.23 -10.81 -13.40
CA CYS A 410 14.43 -10.28 -12.77
C CYS A 410 15.53 -11.32 -12.60
N GLY A 411 15.33 -12.52 -13.10
CA GLY A 411 16.34 -13.54 -13.05
C GLY A 411 16.13 -14.46 -11.88
N PRO A 412 16.99 -15.49 -11.81
CA PRO A 412 16.72 -16.62 -10.90
C PRO A 412 17.15 -16.42 -9.45
N THR A 413 17.82 -15.32 -9.11
CA THR A 413 18.26 -15.10 -7.73
C THR A 413 17.76 -13.78 -7.16
N SER A 414 16.68 -13.24 -7.71
CA SER A 414 16.20 -11.92 -7.33
C SER A 414 14.68 -11.93 -7.18
N SER A 415 14.18 -10.86 -6.57
CA SER A 415 12.75 -10.61 -6.48
C SER A 415 12.53 -9.11 -6.59
N LEU A 416 11.27 -8.72 -6.72
CA LEU A 416 10.94 -7.33 -7.02
C LEU A 416 9.97 -6.77 -5.99
N GLN A 417 10.01 -5.45 -5.85
CA GLN A 417 9.11 -4.70 -4.98
C GLN A 417 8.16 -3.86 -5.84
N GLU A 418 7.27 -3.13 -5.19
CA GLU A 418 6.17 -2.49 -5.90
C GLU A 418 6.69 -1.47 -6.92
N PRO A 419 6.20 -1.48 -8.15
CA PRO A 419 6.57 -0.43 -9.10
C PRO A 419 5.81 0.87 -8.83
N ALA A 420 6.35 1.97 -9.35
CA ALA A 420 5.69 3.27 -9.31
C ALA A 420 5.88 3.97 -10.65
N PHE A 421 4.84 4.64 -11.14
CA PHE A 421 4.87 5.28 -12.44
C PHE A 421 5.28 6.74 -12.31
N ILE A 422 6.08 7.20 -13.25
CA ILE A 422 6.56 8.57 -13.32
C ILE A 422 6.10 9.17 -14.64
N PRO A 423 5.28 10.21 -14.65
CA PRO A 423 4.89 10.81 -15.93
C PRO A 423 5.99 11.67 -16.52
N ARG A 424 6.08 11.64 -17.84
CA ARG A 424 7.03 12.48 -18.56
C ARG A 424 6.73 13.96 -18.34
N SER A 425 5.46 14.35 -18.36
CA SER A 425 5.06 15.73 -18.12
C SER A 425 3.61 15.73 -17.66
N LYS A 426 3.16 16.83 -17.10
CA LYS A 426 1.80 16.88 -16.61
C LYS A 426 0.73 16.54 -17.64
N ASP A 427 0.94 16.92 -18.87
CA ASP A 427 -0.05 16.68 -19.90
C ASP A 427 0.36 15.60 -20.89
N ALA A 428 1.44 14.84 -20.59
CA ALA A 428 1.82 13.71 -21.42
C ALA A 428 0.68 12.69 -21.47
N PRO A 429 0.61 11.89 -22.53
CA PRO A 429 -0.44 10.87 -22.60
C PRO A 429 -0.30 9.87 -21.46
N GLU A 430 -1.40 9.16 -21.21
CA GLU A 430 -1.40 8.10 -20.23
C GLU A 430 -0.24 7.14 -20.48
N GLY A 431 0.49 6.86 -19.41
CA GLY A 431 1.58 5.90 -19.46
C GLY A 431 2.84 6.36 -20.15
N ASP A 432 2.92 7.62 -20.59
CA ASP A 432 4.12 8.17 -21.19
C ASP A 432 5.05 8.60 -20.06
N GLY A 433 6.10 7.83 -19.85
CA GLY A 433 7.01 8.06 -18.75
C GLY A 433 7.76 6.79 -18.41
N TRP A 434 7.99 6.58 -17.12
CA TRP A 434 8.91 5.56 -16.64
C TRP A 434 8.30 4.82 -15.45
N ILE A 435 8.79 3.61 -15.23
CA ILE A 435 8.51 2.85 -14.03
C ILE A 435 9.79 2.74 -13.24
N VAL A 436 9.71 2.96 -11.93
CA VAL A 436 10.81 2.68 -11.02
C VAL A 436 10.37 1.59 -10.06
N GLN A 437 11.31 0.77 -9.63
CA GLN A 437 11.02 -0.26 -8.64
C GLN A 437 12.32 -0.79 -8.06
N VAL A 438 12.25 -1.15 -6.78
CA VAL A 438 13.36 -1.80 -6.09
C VAL A 438 13.42 -3.25 -6.52
N CYS A 439 14.64 -3.74 -6.78
CA CYS A 439 14.90 -5.14 -7.00
C CYS A 439 15.78 -5.69 -5.89
N ASN A 440 15.34 -6.78 -5.27
CA ASN A 440 16.12 -7.46 -4.25
C ASN A 440 17.11 -8.40 -4.95
N ARG A 441 18.39 -8.05 -4.93
CA ARG A 441 19.45 -8.91 -5.49
C ARG A 441 19.91 -9.84 -4.39
N LEU A 442 19.13 -10.92 -4.22
CA LEU A 442 19.29 -11.76 -3.04
C LEU A 442 20.63 -12.45 -3.00
N ALA A 443 21.19 -12.80 -4.17
CA ALA A 443 22.49 -13.46 -4.18
C ALA A 443 23.61 -12.52 -3.75
N ASP A 444 23.43 -11.22 -3.89
CA ASP A 444 24.43 -10.22 -3.55
C ASP A 444 24.13 -9.50 -2.24
N HIS A 445 23.03 -9.87 -1.57
CA HIS A 445 22.61 -9.23 -0.33
C HIS A 445 22.58 -7.71 -0.45
N LYS A 446 22.07 -7.24 -1.60
CA LYS A 446 21.97 -5.82 -1.88
C LYS A 446 20.71 -5.57 -2.69
N SER A 447 20.42 -4.30 -2.94
CA SER A 447 19.26 -3.91 -3.73
C SER A 447 19.69 -3.02 -4.88
N ASP A 448 18.93 -3.09 -5.97
CA ASP A 448 19.00 -2.14 -7.06
C ASP A 448 17.72 -1.33 -7.12
N LEU A 449 17.82 -0.11 -7.65
CA LEU A 449 16.66 0.62 -8.15
C LEU A 449 16.68 0.50 -9.67
N LEU A 450 15.60 -0.04 -10.24
CA LEU A 450 15.47 -0.22 -11.68
C LEU A 450 14.62 0.90 -12.24
N ILE A 451 15.00 1.41 -13.41
CA ILE A 451 14.22 2.40 -14.14
C ILE A 451 13.90 1.81 -15.51
N PHE A 452 12.60 1.74 -15.83
CA PHE A 452 12.15 1.22 -17.10
C PHE A 452 11.44 2.31 -17.90
N GLU A 453 11.52 2.23 -19.24
CA GLU A 453 10.53 2.88 -20.08
C GLU A 453 9.18 2.19 -19.86
N ALA A 454 8.17 2.97 -19.42
CA ALA A 454 7.00 2.39 -18.79
C ALA A 454 6.21 1.47 -19.73
N LEU A 455 6.23 1.73 -21.04
CA LEU A 455 5.49 0.92 -22.00
C LEU A 455 6.39 0.03 -22.85
N ASP A 456 7.65 -0.17 -22.44
CA ASP A 456 8.58 -1.02 -23.14
C ASP A 456 9.48 -1.68 -22.10
N ILE A 457 8.89 -2.60 -21.32
CA ILE A 457 9.61 -3.19 -20.21
C ILE A 457 10.34 -4.47 -20.56
N GLU A 458 9.96 -5.15 -21.65
CA GLU A 458 10.54 -6.47 -21.91
C GLU A 458 12.02 -6.39 -22.25
N LYS A 459 12.48 -5.25 -22.77
CA LYS A 459 13.90 -5.09 -23.02
C LYS A 459 14.70 -4.87 -21.76
N GLY A 460 14.04 -4.73 -20.62
CA GLY A 460 14.73 -4.56 -19.36
C GLY A 460 14.90 -3.11 -19.00
N PRO A 461 15.43 -2.86 -17.81
CA PRO A 461 15.59 -1.48 -17.36
C PRO A 461 16.60 -0.71 -18.20
N VAL A 462 16.30 0.57 -18.42
CA VAL A 462 17.24 1.46 -19.10
C VAL A 462 18.34 1.94 -18.16
N ALA A 463 18.13 1.85 -16.86
CA ALA A 463 19.16 2.17 -15.89
C ALA A 463 18.97 1.26 -14.68
N THR A 464 20.10 0.89 -14.07
CA THR A 464 20.14 0.10 -12.85
C THR A 464 21.02 0.82 -11.85
N VAL A 465 20.44 1.25 -10.73
CA VAL A 465 21.14 1.97 -9.68
C VAL A 465 21.45 0.96 -8.57
N HIS A 466 22.71 0.80 -8.23
CA HIS A 466 23.12 -0.14 -7.21
C HIS A 466 23.15 0.54 -5.84
N LEU A 467 22.47 -0.06 -4.87
CA LEU A 467 22.68 0.37 -3.49
C LEU A 467 23.75 -0.52 -2.84
N PRO A 468 24.63 0.08 -2.01
CA PRO A 468 25.71 -0.72 -1.38
C PRO A 468 25.25 -1.44 -0.12
N PHE A 469 23.96 -1.74 -0.05
CA PHE A 469 23.35 -2.46 1.07
C PHE A 469 21.99 -2.96 0.60
N ALA A 470 21.39 -3.82 1.41
CA ALA A 470 20.07 -4.36 1.14
C ALA A 470 18.97 -3.57 1.82
N LEU A 471 17.94 -3.23 1.04
CA LEU A 471 16.66 -2.87 1.59
C LEU A 471 15.94 -4.13 2.06
N ARG A 472 15.02 -3.92 2.99
CA ARG A 472 14.11 -4.95 3.46
C ARG A 472 12.86 -4.94 2.58
N PHE A 473 12.00 -5.94 2.80
CA PHE A 473 10.68 -6.00 2.19
C PHE A 473 10.00 -4.65 2.30
N GLY A 474 9.52 -4.14 1.17
CA GLY A 474 8.79 -2.90 1.18
C GLY A 474 7.29 -3.02 1.01
N LEU A 475 6.58 -1.98 1.40
CA LEU A 475 5.16 -1.84 1.13
C LEU A 475 5.02 -0.82 0.01
N HIS A 476 4.33 0.30 0.21
CA HIS A 476 3.96 1.16 -0.91
C HIS A 476 4.87 2.38 -1.01
N GLY A 477 4.91 2.94 -2.22
CA GLY A 477 5.79 4.03 -2.58
C GLY A 477 5.26 4.84 -3.75
N ASN A 478 5.88 6.01 -3.96
CA ASN A 478 5.34 6.98 -4.89
C ASN A 478 6.44 7.92 -5.38
N TRP A 479 6.30 8.36 -6.62
CA TRP A 479 7.12 9.43 -7.15
C TRP A 479 6.46 10.78 -6.98
N ALA A 480 7.28 11.79 -6.70
CA ALA A 480 6.87 13.18 -6.84
C ALA A 480 7.96 13.97 -7.53
N ASN A 481 7.56 14.90 -8.41
CA ASN A 481 8.50 15.83 -9.00
C ASN A 481 9.07 16.79 -7.95
N ALA A 482 10.25 17.31 -8.25
CA ALA A 482 11.01 18.08 -7.27
C ALA A 482 10.22 19.27 -6.73
N GLU A 483 9.44 19.93 -7.58
CA GLU A 483 8.72 21.12 -7.14
C GLU A 483 7.61 20.80 -6.14
N GLU A 484 7.20 19.53 -6.03
CA GLU A 484 6.18 19.12 -5.07
C GLU A 484 6.77 18.72 -3.73
N ILE A 485 8.10 18.70 -3.60
CA ILE A 485 8.75 18.19 -2.41
C ILE A 485 9.92 19.06 -1.94
N GLY A 486 9.98 20.29 -2.43
CA GLY A 486 10.98 21.20 -1.90
C GLY A 486 12.40 20.94 -2.32
N LEU A 487 12.60 20.24 -3.45
CA LEU A 487 13.93 19.96 -3.96
C LEU A 487 14.18 20.83 -5.19
N ALA A 488 15.44 20.87 -5.62
CA ALA A 488 15.85 21.89 -6.59
C ALA A 488 15.17 21.71 -7.93
N ALA A 489 14.79 22.84 -8.53
CA ALA A 489 14.31 22.85 -9.91
C ALA A 489 15.45 22.46 -10.84
#